data_4RVQ
#
_entry.id   4RVQ
#
_cell.length_a   123.846
_cell.length_b   45.752
_cell.length_c   27.420
_cell.angle_alpha   90.00
_cell.angle_beta   102.56
_cell.angle_gamma   90.00
#
_symmetry.space_group_name_H-M   'C 1 2 1'
#
loop_
_entity.id
_entity.type
_entity.pdbx_description
1 polymer 'Pre-mRNA splicing helicase-like protein'
2 non-polymer 'SULFATE ION'
3 non-polymer 1,2-ETHANEDIOL
4 water water
#
_entity_poly.entity_id   1
_entity_poly.type   'polypeptide(L)'
_entity_poly.pdbx_seq_one_letter_code
;GAMGKSKSQDKNYVHAREIDAYWLQRQIGRVYPDAHIQHDKTTSALKILSGEPDEPGGDEKQLRDIENDLMELFDYEHHE
LVQKLIENRDKVVWLTRLARAESREERDTIEREMASEGLRWILDELYGKPKDDQKKPKL
;
_entity_poly.pdbx_strand_id   A
#
loop_
_chem_comp.id
_chem_comp.type
_chem_comp.name
_chem_comp.formula
EDO non-polymer 1,2-ETHANEDIOL 'C2 H6 O2'
SO4 non-polymer 'SULFATE ION' 'O4 S -2'
#
# COMPACT_ATOMS: atom_id res chain seq x y z
N GLY A 1 17.16 -25.26 -3.24
CA GLY A 1 16.41 -26.45 -2.72
C GLY A 1 14.95 -26.49 -3.11
N ALA A 2 14.32 -27.64 -2.84
CA ALA A 2 12.92 -27.87 -3.22
C ALA A 2 11.94 -26.96 -2.49
N MET A 3 12.13 -26.79 -1.18
CA MET A 3 11.25 -25.94 -0.39
C MET A 3 11.23 -24.53 -0.98
N GLY A 4 12.41 -24.04 -1.32
CA GLY A 4 12.54 -22.71 -1.87
C GLY A 4 11.83 -22.51 -3.20
N LYS A 5 11.67 -23.60 -3.96
CA LYS A 5 10.99 -23.52 -5.27
C LYS A 5 9.48 -23.71 -5.18
N SER A 6 8.95 -23.99 -3.98
CA SER A 6 7.52 -24.25 -3.81
C SER A 6 6.69 -22.98 -3.57
N LYS A 7 7.36 -21.84 -3.37
CA LYS A 7 6.74 -20.57 -3.07
C LYS A 7 7.62 -19.52 -3.69
N SER A 8 7.09 -18.33 -3.82
CA SER A 8 7.83 -17.15 -4.28
CA SER A 8 7.90 -17.23 -4.33
C SER A 8 9.05 -16.92 -3.39
N GLN A 9 10.09 -16.31 -3.95
CA GLN A 9 11.22 -15.92 -3.13
C GLN A 9 10.85 -14.79 -2.18
N ASP A 10 9.95 -13.90 -2.59
CA ASP A 10 9.60 -12.72 -1.78
C ASP A 10 8.09 -12.55 -1.76
N LYS A 11 7.46 -13.02 -0.69
CA LYS A 11 6.00 -12.94 -0.59
C LYS A 11 5.50 -11.50 -0.55
N ASN A 12 6.39 -10.56 -0.27
CA ASN A 12 5.98 -9.18 -0.18
C ASN A 12 6.05 -8.44 -1.49
N TYR A 13 6.60 -9.03 -2.53
CA TYR A 13 6.81 -8.27 -3.76
CA TYR A 13 6.80 -8.29 -3.74
C TYR A 13 5.48 -8.01 -4.46
N VAL A 14 5.27 -6.78 -4.88
CA VAL A 14 4.10 -6.39 -5.69
C VAL A 14 4.59 -5.36 -6.68
N HIS A 15 4.37 -5.63 -7.95
CA HIS A 15 4.81 -4.71 -8.99
C HIS A 15 3.85 -3.49 -9.03
N ALA A 16 4.38 -2.33 -9.39
CA ALA A 16 3.58 -1.13 -9.45
C ALA A 16 2.29 -1.32 -10.29
N ARG A 17 2.37 -2.05 -11.39
CA ARG A 17 1.19 -2.19 -12.25
C ARG A 17 0.08 -2.99 -11.59
N GLU A 18 0.39 -3.72 -10.52
CA GLU A 18 -0.61 -4.51 -9.82
C GLU A 18 -1.49 -3.65 -8.93
N ILE A 19 -1.03 -2.48 -8.53
CA ILE A 19 -1.72 -1.68 -7.52
C ILE A 19 -2.76 -0.78 -8.16
N ASP A 20 -3.88 -1.38 -8.51
CA ASP A 20 -5.04 -0.67 -8.99
C ASP A 20 -5.71 0.04 -7.82
N ALA A 21 -6.78 0.79 -8.13
CA ALA A 21 -7.50 1.58 -7.15
C ALA A 21 -8.05 0.77 -5.98
N TYR A 22 -8.26 -0.54 -6.16
CA TYR A 22 -8.84 -1.39 -5.14
C TYR A 22 -7.88 -2.48 -4.65
N TRP A 23 -6.61 -2.42 -5.01
CA TRP A 23 -5.68 -3.48 -4.61
C TRP A 23 -5.64 -3.65 -3.11
N LEU A 24 -5.49 -2.54 -2.39
CA LEU A 24 -5.38 -2.62 -0.94
C LEU A 24 -6.65 -3.19 -0.33
N GLN A 25 -7.81 -2.66 -0.77
CA GLN A 25 -9.09 -3.13 -0.28
C GLN A 25 -9.25 -4.63 -0.51
N ARG A 26 -8.79 -5.13 -1.67
CA ARG A 26 -8.88 -6.54 -1.97
CA ARG A 26 -8.86 -6.57 -1.94
C ARG A 26 -7.97 -7.36 -1.04
N GLN A 27 -6.78 -6.85 -0.71
CA GLN A 27 -5.92 -7.57 0.22
CA GLN A 27 -5.94 -7.61 0.22
C GLN A 27 -6.61 -7.69 1.58
N ILE A 28 -7.17 -6.57 2.05
CA ILE A 28 -7.83 -6.53 3.33
C ILE A 28 -9.11 -7.36 3.31
N GLY A 29 -9.81 -7.34 2.18
CA GLY A 29 -11.07 -8.05 2.06
C GLY A 29 -10.94 -9.56 2.15
N ARG A 30 -9.76 -10.11 1.88
CA ARG A 30 -9.57 -11.54 2.05
C ARG A 30 -9.64 -11.95 3.50
N VAL A 31 -9.35 -11.02 4.41
CA VAL A 31 -9.42 -11.24 5.85
C VAL A 31 -10.74 -10.71 6.44
N TYR A 32 -11.27 -9.62 5.87
CA TYR A 32 -12.47 -8.95 6.35
C TYR A 32 -13.46 -8.89 5.19
N PRO A 33 -14.28 -9.92 5.02
CA PRO A 33 -15.16 -9.94 3.84
C PRO A 33 -16.31 -8.93 3.88
N ASP A 34 -16.60 -8.36 5.03
CA ASP A 34 -17.69 -7.38 5.09
C ASP A 34 -17.32 -6.14 4.34
N ALA A 35 -18.23 -5.66 3.49
CA ALA A 35 -17.91 -4.51 2.64
C ALA A 35 -17.61 -3.26 3.44
N HIS A 36 -18.42 -2.96 4.45
CA HIS A 36 -18.23 -1.75 5.23
C HIS A 36 -16.92 -1.81 6.02
N ILE A 37 -16.71 -2.91 6.75
CA ILE A 37 -15.50 -3.02 7.57
C ILE A 37 -14.24 -3.01 6.69
N GLN A 38 -14.22 -3.73 5.57
CA GLN A 38 -13.01 -3.72 4.78
C GLN A 38 -12.71 -2.34 4.22
N HIS A 39 -13.75 -1.57 3.91
CA HIS A 39 -13.54 -0.23 3.41
C HIS A 39 -12.99 0.68 4.53
N ASP A 40 -13.58 0.60 5.74
CA ASP A 40 -13.03 1.35 6.85
C ASP A 40 -11.55 1.06 7.03
N LYS A 41 -11.18 -0.23 7.00
CA LYS A 41 -9.81 -0.61 7.25
C LYS A 41 -8.88 -0.14 6.12
N THR A 42 -9.39 -0.06 4.89
CA THR A 42 -8.60 0.47 3.78
C THR A 42 -8.28 1.94 4.03
N THR A 43 -9.29 2.72 4.36
CA THR A 43 -9.09 4.13 4.67
C THR A 43 -8.09 4.33 5.79
N SER A 44 -8.28 3.56 6.86
CA SER A 44 -7.38 3.68 7.99
CA SER A 44 -7.38 3.67 8.00
C SER A 44 -5.95 3.23 7.66
N ALA A 45 -5.82 2.15 6.92
CA ALA A 45 -4.50 1.66 6.57
C ALA A 45 -3.75 2.67 5.72
N LEU A 46 -4.41 3.32 4.76
CA LEU A 46 -3.72 4.30 3.96
C LEU A 46 -3.24 5.45 4.84
N LYS A 47 -4.08 5.92 5.77
CA LYS A 47 -3.67 7.00 6.65
C LYS A 47 -2.46 6.57 7.49
N ILE A 48 -2.55 5.39 8.09
CA ILE A 48 -1.44 4.90 8.89
C ILE A 48 -0.15 4.77 8.08
N LEU A 49 -0.24 4.14 6.91
CA LEU A 49 0.96 3.88 6.10
C LEU A 49 1.61 5.15 5.62
N SER A 50 0.83 6.20 5.46
CA SER A 50 1.38 7.44 4.92
CA SER A 50 1.32 7.48 4.97
C SER A 50 2.29 8.10 5.94
N GLY A 51 2.22 7.67 7.20
CA GLY A 51 3.03 8.27 8.23
C GLY A 51 2.70 9.71 8.52
N GLU A 52 1.59 10.19 7.98
CA GLU A 52 1.18 11.56 8.23
C GLU A 52 0.71 11.73 9.68
N PRO A 53 0.92 12.93 10.26
CA PRO A 53 0.49 13.17 11.64
C PRO A 53 -1.04 13.28 11.74
N GLU A 60 5.14 12.50 9.96
CA GLU A 60 5.85 12.65 11.22
C GLU A 60 5.97 11.33 11.96
N LYS A 61 5.16 10.34 11.59
CA LYS A 61 5.10 9.11 12.39
C LYS A 61 6.27 8.15 12.13
N GLN A 62 6.84 7.66 13.22
CA GLN A 62 7.90 6.67 13.15
C GLN A 62 7.39 5.32 12.67
N LEU A 63 8.30 4.51 12.16
CA LEU A 63 7.97 3.16 11.72
C LEU A 63 7.39 2.31 12.83
N ARG A 64 7.86 2.46 14.05
CA ARG A 64 7.34 1.70 15.17
C ARG A 64 5.85 2.04 15.38
N ASP A 65 5.50 3.31 15.19
CA ASP A 65 4.13 3.75 15.37
C ASP A 65 3.24 3.25 14.25
N ILE A 66 3.74 3.28 13.00
CA ILE A 66 3.02 2.75 11.87
C ILE A 66 2.73 1.28 12.14
N GLU A 67 3.74 0.52 12.54
CA GLU A 67 3.55 -0.89 12.82
C GLU A 67 2.52 -1.12 13.93
N ASN A 68 2.68 -0.40 15.04
CA ASN A 68 1.74 -0.58 16.15
C ASN A 68 0.30 -0.34 15.70
N ASP A 69 0.07 0.74 14.99
CA ASP A 69 -1.27 1.08 14.59
C ASP A 69 -1.82 0.08 13.59
N LEU A 70 -1.00 -0.38 12.65
CA LEU A 70 -1.48 -1.39 11.71
CA LEU A 70 -1.46 -1.36 11.67
C LEU A 70 -1.76 -2.71 12.33
N MET A 71 -0.91 -3.10 13.31
CA MET A 71 -1.15 -4.39 13.94
C MET A 71 -2.52 -4.36 14.66
N GLU A 72 -2.84 -3.27 15.35
CA GLU A 72 -4.12 -3.14 16.00
C GLU A 72 -5.28 -3.13 14.98
N LEU A 73 -5.06 -2.48 13.83
CA LEU A 73 -6.09 -2.42 12.81
C LEU A 73 -6.47 -3.81 12.34
N PHE A 74 -5.49 -4.71 12.33
CA PHE A 74 -5.66 -6.09 11.87
CA PHE A 74 -5.75 -6.08 11.90
C PHE A 74 -5.87 -7.04 13.07
N ASP A 75 -6.31 -6.51 14.21
CA ASP A 75 -6.74 -7.37 15.33
C ASP A 75 -5.63 -8.30 15.83
N TYR A 76 -4.39 -7.83 15.72
CA TYR A 76 -3.22 -8.54 16.26
C TYR A 76 -3.04 -9.89 15.61
N GLU A 77 -3.56 -10.01 14.40
CA GLU A 77 -3.34 -11.18 13.60
C GLU A 77 -2.92 -10.74 12.19
N HIS A 78 -2.70 -11.71 11.32
CA HIS A 78 -2.25 -11.49 9.95
CA HIS A 78 -2.42 -11.35 9.95
C HIS A 78 -1.07 -10.55 9.89
N HIS A 79 -0.08 -10.89 10.70
CA HIS A 79 1.16 -10.11 10.71
C HIS A 79 1.87 -10.10 9.36
N GLU A 80 1.79 -11.19 8.63
CA GLU A 80 2.42 -11.21 7.31
CA GLU A 80 2.41 -11.21 7.30
C GLU A 80 1.83 -10.12 6.39
N LEU A 81 0.52 -9.92 6.44
CA LEU A 81 -0.12 -8.88 5.64
C LEU A 81 0.35 -7.53 6.14
N VAL A 82 0.35 -7.35 7.47
CA VAL A 82 0.83 -6.11 8.05
C VAL A 82 2.25 -5.76 7.52
N GLN A 83 3.18 -6.72 7.58
CA GLN A 83 4.50 -6.43 7.17
CA GLN A 83 4.57 -6.46 7.14
C GLN A 83 4.62 -6.20 5.66
N LYS A 84 3.84 -6.94 4.87
CA LYS A 84 3.82 -6.69 3.44
C LYS A 84 3.43 -5.24 3.12
N LEU A 85 2.42 -4.74 3.83
CA LEU A 85 1.98 -3.38 3.61
C LEU A 85 3.06 -2.36 4.01
N ILE A 86 3.68 -2.61 5.17
CA ILE A 86 4.72 -1.70 5.63
C ILE A 86 5.94 -1.70 4.70
N GLU A 87 6.38 -2.87 4.25
CA GLU A 87 7.51 -2.97 3.33
C GLU A 87 7.23 -2.19 2.05
N ASN A 88 5.97 -2.15 1.65
CA ASN A 88 5.51 -1.46 0.44
C ASN A 88 4.78 -0.16 0.72
N ARG A 89 5.06 0.50 1.83
CA ARG A 89 4.23 1.62 2.21
C ARG A 89 4.21 2.71 1.15
N ASP A 90 5.33 3.05 0.54
CA ASP A 90 5.34 4.10 -0.46
CA ASP A 90 5.32 4.12 -0.45
C ASP A 90 4.51 3.69 -1.69
N LYS A 91 4.72 2.48 -2.19
CA LYS A 91 3.94 2.01 -3.31
C LYS A 91 2.45 2.01 -3.00
N VAL A 92 2.08 1.43 -1.86
CA VAL A 92 0.67 1.29 -1.56
C VAL A 92 0.00 2.66 -1.46
N VAL A 93 0.59 3.58 -0.73
CA VAL A 93 -0.03 4.87 -0.50
CA VAL A 93 -0.09 4.85 -0.52
C VAL A 93 -0.11 5.64 -1.82
N TRP A 94 1.03 5.80 -2.50
CA TRP A 94 1.07 6.65 -3.66
C TRP A 94 0.37 6.06 -4.86
N LEU A 95 0.55 4.78 -5.14
CA LEU A 95 -0.09 4.20 -6.29
C LEU A 95 -1.59 4.05 -6.13
N THR A 96 -2.08 3.84 -4.90
CA THR A 96 -3.52 3.85 -4.68
C THR A 96 -4.08 5.24 -5.03
N ARG A 97 -3.43 6.29 -4.52
CA ARG A 97 -3.85 7.64 -4.80
C ARG A 97 -3.80 7.91 -6.30
N LEU A 98 -2.70 7.57 -6.93
CA LEU A 98 -2.55 7.81 -8.38
C LEU A 98 -3.60 7.07 -9.18
N ALA A 99 -3.84 5.81 -8.84
CA ALA A 99 -4.82 5.02 -9.58
C ALA A 99 -6.20 5.62 -9.52
N ARG A 100 -6.50 6.34 -8.45
CA ARG A 100 -7.79 6.97 -8.22
C ARG A 100 -7.89 8.38 -8.81
N ALA A 101 -6.83 8.91 -9.40
CA ALA A 101 -6.81 10.25 -9.97
C ALA A 101 -7.13 10.17 -11.46
N GLU A 102 -8.22 10.84 -11.86
CA GLU A 102 -8.69 10.78 -13.24
CA GLU A 102 -8.72 10.79 -13.22
C GLU A 102 -8.31 11.99 -14.08
N SER A 103 -8.20 13.16 -13.47
CA SER A 103 -7.92 14.37 -14.23
CA SER A 103 -7.91 14.39 -14.21
C SER A 103 -6.42 14.53 -14.51
N ARG A 104 -6.10 15.27 -15.56
CA ARG A 104 -4.71 15.56 -15.88
C ARG A 104 -4.06 16.28 -14.70
N GLU A 105 -4.69 17.30 -14.14
CA GLU A 105 -4.05 18.08 -13.12
C GLU A 105 -3.78 17.24 -11.90
N GLU A 106 -4.71 16.39 -11.49
CA GLU A 106 -4.48 15.63 -10.28
CA GLU A 106 -4.48 15.63 -10.28
CA GLU A 106 -4.49 15.62 -10.28
C GLU A 106 -3.38 14.58 -10.51
N ARG A 107 -3.39 13.89 -11.64
CA ARG A 107 -2.34 12.92 -11.90
C ARG A 107 -0.99 13.59 -11.95
N ASP A 108 -0.90 14.74 -12.61
CA ASP A 108 0.34 15.48 -12.71
C ASP A 108 0.85 15.87 -11.33
N THR A 109 -0.03 16.41 -10.48
CA THR A 109 0.33 16.81 -9.14
C THR A 109 0.93 15.63 -8.38
N ILE A 110 0.26 14.48 -8.45
CA ILE A 110 0.72 13.28 -7.75
C ILE A 110 2.08 12.81 -8.28
N GLU A 111 2.24 12.81 -9.59
CA GLU A 111 3.49 12.39 -10.19
C GLU A 111 4.64 13.31 -9.77
N ARG A 112 4.40 14.61 -9.75
CA ARG A 112 5.43 15.55 -9.30
C ARG A 112 5.75 15.31 -7.83
N GLU A 113 4.72 15.11 -7.00
CA GLU A 113 4.97 14.86 -5.59
C GLU A 113 5.76 13.58 -5.36
N MET A 114 5.44 12.54 -6.10
CA MET A 114 6.21 11.32 -6.00
C MET A 114 7.67 11.56 -6.33
N ALA A 115 7.95 12.27 -7.43
CA ALA A 115 9.34 12.56 -7.80
C ALA A 115 10.01 13.32 -6.65
N SER A 116 9.30 14.29 -6.05
CA SER A 116 9.88 15.11 -4.98
CA SER A 116 9.85 15.09 -4.97
C SER A 116 10.21 14.26 -3.76
N GLU A 117 9.51 13.16 -3.56
CA GLU A 117 9.72 12.24 -2.45
CA GLU A 117 9.74 12.27 -2.44
C GLU A 117 10.76 11.16 -2.74
N GLY A 118 11.44 11.24 -3.88
CA GLY A 118 12.44 10.26 -4.22
C GLY A 118 11.88 8.98 -4.83
N LEU A 119 10.65 9.04 -5.35
CA LEU A 119 9.94 7.86 -5.84
C LEU A 119 9.91 7.76 -7.36
N ARG A 120 10.86 8.39 -8.04
CA ARG A 120 11.04 8.13 -9.46
C ARG A 120 11.07 6.62 -9.75
N TRP A 121 11.71 5.84 -8.90
CA TRP A 121 11.81 4.41 -9.14
C TRP A 121 10.45 3.75 -9.29
N ILE A 122 9.46 4.23 -8.55
CA ILE A 122 8.11 3.68 -8.63
C ILE A 122 7.43 4.08 -9.94
N LEU A 123 7.58 5.32 -10.34
CA LEU A 123 7.07 5.77 -11.61
C LEU A 123 7.71 5.05 -12.78
N ASP A 124 9.03 4.78 -12.69
CA ASP A 124 9.70 4.01 -13.73
C ASP A 124 9.13 2.62 -13.81
N GLU A 125 8.82 2.01 -12.67
CA GLU A 125 8.21 0.70 -12.68
C GLU A 125 6.83 0.76 -13.35
N LEU A 126 6.04 1.77 -12.96
CA LEU A 126 4.65 1.85 -13.44
C LEU A 126 4.59 2.09 -14.94
N TYR A 127 5.36 3.06 -15.41
CA TYR A 127 5.25 3.55 -16.77
C TYR A 127 6.30 2.99 -17.72
N GLY A 128 7.35 2.40 -17.19
CA GLY A 128 8.47 1.92 -17.97
C GLY A 128 9.53 2.98 -18.16
S SO4 B . 12.52 -0.12 4.50
O1 SO4 B . 12.71 0.43 3.15
O2 SO4 B . 12.49 0.99 5.49
O3 SO4 B . 11.23 -0.79 4.49
O4 SO4 B . 13.60 -1.00 4.75
S SO4 C . -24.15 -5.27 3.51
S SO4 C . -23.57 -5.22 1.88
O1 SO4 C . -24.49 -3.86 3.67
O1 SO4 C . -22.19 -5.48 2.29
O2 SO4 C . -24.26 -6.10 4.70
O2 SO4 C . -23.58 -4.64 0.49
O3 SO4 C . -24.91 -5.79 2.36
O3 SO4 C . -24.38 -6.43 1.89
O4 SO4 C . -22.72 -5.34 3.13
O4 SO4 C . -24.16 -4.29 2.85
S SO4 D . -7.13 17.78 -23.29
S SO4 D . -5.47 15.36 -22.33
O1 SO4 D . -6.50 18.69 -22.29
O1 SO4 D . -4.36 14.44 -22.50
O2 SO4 D . -6.17 17.84 -24.40
O2 SO4 D . -5.42 16.41 -23.34
O3 SO4 D . -7.14 16.37 -22.90
O3 SO4 D . -6.69 14.59 -22.51
O4 SO4 D . -8.47 18.28 -23.72
O4 SO4 D . -5.41 15.96 -20.95
S SO4 E . -2.58 -7.65 -12.84
O1 SO4 E . -1.05 -7.68 -12.92
O2 SO4 E . -2.88 -7.07 -11.52
O3 SO4 E . -3.24 -6.90 -13.95
O4 SO4 E . -3.22 -9.07 -12.92
C1 EDO F . 0.06 10.59 -0.54
O1 EDO F . -0.61 11.81 -0.74
C2 EDO F . 0.81 10.63 0.78
O2 EDO F . -0.18 10.66 1.83
H11 EDO F . 0.76 10.41 -1.35
H12 EDO F . -0.66 9.77 -0.52
HO1 EDO F . -1.09 11.78 -1.58
H21 EDO F . 1.44 9.74 0.88
H22 EDO F . 1.44 11.52 0.83
HO2 EDO F . 0.26 10.69 2.69
C1 EDO G . 4.79 8.43 2.75
C1 EDO G . 4.93 8.49 2.70
O1 EDO G . 3.54 9.09 2.55
O1 EDO G . 4.83 9.57 1.76
C2 EDO G . 5.63 8.46 1.46
C2 EDO G . 4.21 7.27 2.12
O2 EDO G . 5.85 9.78 0.95
O2 EDO G . 4.73 6.07 2.69
H11 EDO G . 5.34 8.92 3.55
H11 EDO G . 5.98 8.25 2.88
H12 EDO G . 4.62 7.39 3.04
H12 EDO G . 4.47 8.78 3.65
HO1 EDO G . 3.03 9.05 3.38
HO1 EDO G . 5.28 10.34 2.11
H21 EDO G . 6.60 7.99 1.66
H21 EDO G . 3.14 7.35 2.33
H22 EDO G . 5.13 7.86 0.70
H22 EDO G . 4.34 7.26 1.04
HO2 EDO G . 6.38 9.73 0.15
HO2 EDO G . 4.26 5.31 2.31
C1 EDO H . 11.77 4.49 13.85
C1 EDO H . 12.20 4.81 14.39
O1 EDO H . 10.69 3.71 14.43
O1 EDO H . 11.31 5.33 15.37
C2 EDO H . 11.36 5.23 12.55
C2 EDO H . 11.41 4.33 13.18
O2 EDO H . 12.43 6.05 12.08
O2 EDO H . 11.22 5.38 12.22
H11 EDO H . 12.09 5.24 14.58
H11 EDO H . 12.90 5.59 14.08
H12 EDO H . 12.61 3.85 13.64
H12 EDO H . 12.77 3.98 14.82
HO1 EDO H . 11.02 3.28 15.24
HO1 EDO H . 11.82 5.64 16.14
H21 EDO H . 11.10 4.49 11.79
H21 EDO H . 11.95 3.50 12.70
H22 EDO H . 10.49 5.85 12.74
H22 EDO H . 10.44 3.95 13.50
HO2 EDO H . 12.15 6.50 11.26
HO2 EDO H . 10.73 5.05 11.46
C1 EDO I . 9.68 -4.67 -0.95
O1 EDO I . 10.80 -4.55 -1.84
C2 EDO I . 9.17 -6.06 -1.24
O2 EDO I . 9.99 -6.99 -0.57
H11 EDO I . 9.99 -4.58 0.09
H12 EDO I . 8.91 -3.93 -1.17
HO1 EDO I . 11.19 -3.67 -1.72
H21 EDO I . 8.14 -6.17 -0.89
H22 EDO I . 9.20 -6.26 -2.32
HO2 EDO I . 9.66 -7.89 -0.75
#